data_9GRU
#
_entry.id   9GRU
#
_cell.length_a   41.091
_cell.length_b   41.988
_cell.length_c   159.955
_cell.angle_alpha   90.00
_cell.angle_beta   90.00
_cell.angle_gamma   90.00
#
_symmetry.space_group_name_H-M   'P 21 21 21'
#
loop_
_entity.id
_entity.type
_entity.pdbx_description
1 polymer 'Hepatoma-derived growth factor-related protein 2'
2 non-polymer 4-IODOPYRAZOLE
3 non-polymer 'SULFATE ION'
4 water water
#
_entity_poly.entity_id   1
_entity_poly.type   'polypeptide(L)'
_entity_poly.pdbx_seq_one_letter_code
;GMPHAFKPGDLVFAKMKGYPHWPARIDDIADGAVKPPPNKYPIFFFGTHETAFLGPKDLFPYDKCKDKYGKPNKRKGFNE
GLWEIQNNPHASYS
;
_entity_poly.pdbx_strand_id   A,B,C
#
# COMPACT_ATOMS: atom_id res chain seq x y z
N MET A 2 -24.24 -2.68 -14.15
CA MET A 2 -24.61 -2.09 -12.88
C MET A 2 -23.45 -2.19 -11.91
N PRO A 3 -23.27 -1.17 -11.07
CA PRO A 3 -22.18 -1.19 -10.09
C PRO A 3 -22.47 -2.16 -8.96
N HIS A 4 -21.40 -2.66 -8.37
CA HIS A 4 -21.44 -3.48 -7.17
C HIS A 4 -20.93 -2.67 -5.98
N ALA A 5 -21.03 -3.28 -4.81
CA ALA A 5 -20.44 -2.70 -3.62
C ALA A 5 -18.93 -2.61 -3.77
N PHE A 6 -18.33 -1.74 -2.96
CA PHE A 6 -16.88 -1.54 -3.00
C PHE A 6 -16.16 -2.79 -2.49
N LYS A 7 -14.95 -3.00 -2.98
CA LYS A 7 -14.18 -4.18 -2.62
C LYS A 7 -12.71 -3.82 -2.59
N PRO A 8 -11.90 -4.58 -1.88
CA PRO A 8 -10.48 -4.23 -1.78
C PRO A 8 -9.84 -4.11 -3.14
N GLY A 9 -9.04 -3.04 -3.33
CA GLY A 9 -8.41 -2.75 -4.58
C GLY A 9 -9.14 -1.73 -5.42
N ASP A 10 -10.40 -1.44 -5.12
CA ASP A 10 -11.12 -0.42 -5.88
C ASP A 10 -10.47 0.95 -5.69
N LEU A 11 -10.34 1.71 -6.79
CA LEU A 11 -9.73 3.04 -6.74
C LEU A 11 -10.82 4.11 -6.70
N VAL A 12 -10.58 5.16 -5.92
CA VAL A 12 -11.58 6.17 -5.67
C VAL A 12 -10.91 7.52 -5.49
N PHE A 13 -11.70 8.57 -5.54
CA PHE A 13 -11.40 9.80 -4.85
C PHE A 13 -12.24 9.83 -3.59
N ALA A 14 -11.61 10.04 -2.44
CA ALA A 14 -12.26 9.99 -1.15
C ALA A 14 -12.35 11.39 -0.59
N LYS A 15 -13.51 11.73 -0.02
CA LYS A 15 -13.77 13.09 0.45
C LYS A 15 -13.81 13.09 1.97
N MET A 16 -12.98 13.94 2.59
CA MET A 16 -13.06 14.22 4.02
C MET A 16 -13.25 15.72 4.24
N LYS A 17 -13.94 16.03 5.33
CA LYS A 17 -14.24 17.44 5.60
C LYS A 17 -12.96 18.26 5.61
N GLY A 18 -12.99 19.39 4.92
CA GLY A 18 -11.87 20.30 4.87
C GLY A 18 -10.89 20.09 3.73
N TYR A 19 -10.86 18.89 3.15
CA TYR A 19 -9.85 18.57 2.16
C TYR A 19 -10.47 18.30 0.80
N PRO A 20 -9.71 18.48 -0.28
CA PRO A 20 -10.23 18.18 -1.61
C PRO A 20 -10.40 16.68 -1.80
N HIS A 21 -11.27 16.32 -2.73
CA HIS A 21 -11.42 14.92 -3.13
C HIS A 21 -10.04 14.35 -3.48
N TRP A 22 -9.68 13.26 -2.83
CA TRP A 22 -8.29 12.86 -2.73
C TRP A 22 -8.08 11.47 -3.33
N PRO A 23 -7.05 11.25 -4.16
CA PRO A 23 -6.85 9.91 -4.73
C PRO A 23 -6.64 8.86 -3.63
N ALA A 24 -7.38 7.76 -3.72
CA ALA A 24 -7.31 6.76 -2.65
C ALA A 24 -7.68 5.39 -3.20
N ARG A 25 -7.52 4.37 -2.36
CA ARG A 25 -8.00 3.03 -2.71
C ARG A 25 -8.69 2.41 -1.51
N ILE A 26 -9.60 1.48 -1.79
CA ILE A 26 -10.10 0.59 -0.74
C ILE A 26 -9.00 -0.40 -0.37
N ASP A 27 -8.60 -0.40 0.90
CA ASP A 27 -7.51 -1.27 1.28
C ASP A 27 -8.03 -2.69 1.59
N ASP A 28 -7.09 -3.62 1.61
CA ASP A 28 -7.35 -4.91 2.22
C ASP A 28 -7.32 -4.75 3.75
N ILE A 29 -7.90 -5.72 4.44
CA ILE A 29 -7.71 -5.82 5.89
C ILE A 29 -6.85 -7.05 6.14
N ALA A 30 -5.61 -6.82 6.56
CA ALA A 30 -4.68 -7.92 6.81
C ALA A 30 -5.14 -8.73 8.03
N ASP A 31 -4.69 -9.99 8.06
CA ASP A 31 -4.93 -10.81 9.25
C ASP A 31 -4.36 -10.13 10.49
N GLY A 32 -5.14 -10.10 11.56
CA GLY A 32 -4.72 -9.45 12.77
C GLY A 32 -4.89 -7.95 12.80
N ALA A 33 -5.36 -7.32 11.71
CA ALA A 33 -5.49 -5.88 11.67
C ALA A 33 -6.85 -5.42 12.16
N VAL A 34 -6.92 -4.17 12.66
CA VAL A 34 -8.17 -3.60 13.15
C VAL A 34 -9.19 -3.55 12.02
N LYS A 35 -10.37 -4.05 12.27
CA LYS A 35 -11.43 -4.06 11.28
C LYS A 35 -12.21 -2.74 11.32
N PRO A 36 -12.79 -2.32 10.20
CA PRO A 36 -13.53 -1.05 10.18
C PRO A 36 -14.88 -1.19 10.87
N PRO A 37 -15.50 -0.07 11.25
CA PRO A 37 -16.89 -0.12 11.74
C PRO A 37 -17.83 -0.68 10.68
N PRO A 38 -19.03 -1.12 11.07
CA PRO A 38 -19.96 -1.66 10.07
C PRO A 38 -20.27 -0.60 9.03
N ASN A 39 -20.40 -1.04 7.78
CA ASN A 39 -20.71 -0.23 6.61
C ASN A 39 -19.63 0.80 6.29
N LYS A 40 -18.45 0.73 6.91
CA LYS A 40 -17.33 1.57 6.49
C LYS A 40 -16.20 0.72 5.94
N TYR A 41 -15.27 1.40 5.28
CA TYR A 41 -14.20 0.76 4.53
C TYR A 41 -12.87 1.36 4.95
N PRO A 42 -11.79 0.56 4.91
CA PRO A 42 -10.45 1.09 5.14
C PRO A 42 -9.96 1.79 3.88
N ILE A 43 -9.75 3.10 3.97
CA ILE A 43 -9.37 3.90 2.81
C ILE A 43 -7.92 4.26 2.96
N PHE A 44 -7.09 3.88 1.99
CA PHE A 44 -5.69 4.25 1.96
C PHE A 44 -5.52 5.43 1.02
N PHE A 45 -4.96 6.52 1.52
CA PHE A 45 -4.82 7.77 0.75
C PHE A 45 -3.48 7.80 0.05
N PHE A 46 -3.48 7.93 -1.27
CA PHE A 46 -2.21 8.04 -1.96
C PHE A 46 -1.52 9.35 -1.60
N GLY A 47 -0.20 9.36 -1.70
CA GLY A 47 0.57 10.56 -1.40
C GLY A 47 0.92 10.68 0.06
N THR A 48 -0.10 10.84 0.90
CA THR A 48 0.11 10.89 2.34
C THR A 48 0.28 9.50 2.95
N HIS A 49 -0.27 8.47 2.30
CA HIS A 49 -0.17 7.10 2.78
C HIS A 49 -0.83 6.94 4.13
N GLU A 50 -1.86 7.74 4.40
CA GLU A 50 -2.66 7.62 5.61
C GLU A 50 -3.90 6.77 5.36
N THR A 51 -4.47 6.25 6.44
CA THR A 51 -5.68 5.43 6.38
C THR A 51 -6.77 6.07 7.24
N ALA A 52 -8.01 6.12 6.71
CA ALA A 52 -9.19 6.49 7.46
C ALA A 52 -10.29 5.47 7.20
N PHE A 53 -11.30 5.44 8.06
CA PHE A 53 -12.49 4.61 7.84
C PHE A 53 -13.60 5.51 7.31
N LEU A 54 -14.05 5.24 6.08
CA LEU A 54 -15.10 6.03 5.43
C LEU A 54 -16.22 5.15 4.87
N GLY A 55 -17.42 5.74 4.81
CA GLY A 55 -18.53 5.10 4.15
C GLY A 55 -18.63 5.49 2.69
N PRO A 56 -19.43 4.74 1.92
CA PRO A 56 -19.52 5.00 0.47
C PRO A 56 -20.00 6.39 0.11
N LYS A 57 -20.71 7.09 1.00
CA LYS A 57 -21.12 8.47 0.70
C LYS A 57 -19.93 9.38 0.45
N ASP A 58 -18.73 9.00 0.90
CA ASP A 58 -17.56 9.83 0.69
C ASP A 58 -16.62 9.27 -0.38
N LEU A 59 -17.02 8.21 -1.08
CA LEU A 59 -16.15 7.51 -2.03
C LEU A 59 -16.67 7.68 -3.46
N PHE A 60 -15.82 8.26 -4.33
CA PHE A 60 -16.21 8.56 -5.71
C PHE A 60 -15.42 7.66 -6.65
N PRO A 61 -16.04 6.78 -7.44
CA PRO A 61 -15.23 5.82 -8.23
C PRO A 61 -14.29 6.51 -9.22
N TYR A 62 -13.10 5.92 -9.37
CA TYR A 62 -12.00 6.58 -10.06
C TYR A 62 -12.32 6.83 -11.52
N ASP A 63 -12.73 5.79 -12.26
CA ASP A 63 -12.85 5.95 -13.70
C ASP A 63 -13.90 7.01 -14.05
N LYS A 64 -14.98 7.07 -13.29
CA LYS A 64 -16.03 8.07 -13.53
C LYS A 64 -15.60 9.48 -13.17
N CYS A 65 -14.84 9.66 -12.08
CA CYS A 65 -14.62 10.98 -11.50
CA CYS A 65 -14.62 10.96 -11.49
C CYS A 65 -13.21 11.52 -11.68
N LYS A 66 -12.31 10.77 -12.33
CA LYS A 66 -10.94 11.26 -12.45
C LYS A 66 -10.83 12.50 -13.33
N ASP A 67 -11.73 12.66 -14.30
CA ASP A 67 -11.69 13.86 -15.14
C ASP A 67 -11.91 15.12 -14.31
N LYS A 68 -12.81 15.04 -13.33
CA LYS A 68 -13.15 16.20 -12.51
C LYS A 68 -12.15 16.38 -11.37
N TYR A 69 -11.79 15.29 -10.69
CA TYR A 69 -11.02 15.39 -9.47
C TYR A 69 -9.54 15.08 -9.65
N GLY A 70 -9.15 14.42 -10.75
CA GLY A 70 -7.76 14.06 -10.97
C GLY A 70 -6.96 15.18 -11.62
N LYS A 71 -6.77 16.28 -10.91
CA LYS A 71 -6.01 17.42 -11.40
C LYS A 71 -5.10 17.93 -10.29
N PRO A 72 -3.96 18.52 -10.67
CA PRO A 72 -3.02 18.99 -9.65
C PRO A 72 -3.67 19.88 -8.61
N ASN A 73 -3.22 19.72 -7.37
CA ASN A 73 -3.69 20.49 -6.23
C ASN A 73 -2.49 20.91 -5.40
N LYS A 74 -2.62 22.05 -4.71
CA LYS A 74 -1.50 22.59 -3.93
C LYS A 74 -1.23 21.78 -2.67
N ARG A 75 -2.19 21.00 -2.19
CA ARG A 75 -2.03 20.36 -0.89
C ARG A 75 -0.82 19.43 -0.86
N LYS A 76 -0.17 19.37 0.29
CA LYS A 76 1.00 18.52 0.48
C LYS A 76 0.64 17.04 0.23
N GLY A 77 1.43 16.41 -0.63
CA GLY A 77 1.23 15.00 -0.92
C GLY A 77 0.25 14.69 -2.03
N PHE A 78 -0.53 15.67 -2.49
CA PHE A 78 -1.61 15.39 -3.42
C PHE A 78 -1.09 14.98 -4.80
N ASN A 79 -0.08 15.70 -5.32
CA ASN A 79 0.37 15.35 -6.67
C ASN A 79 1.22 14.09 -6.68
N GLU A 80 1.93 13.81 -5.58
CA GLU A 80 2.50 12.48 -5.39
C GLU A 80 1.40 11.43 -5.42
N GLY A 81 0.31 11.72 -4.75
CA GLY A 81 -0.83 10.79 -4.75
C GLY A 81 -1.44 10.59 -6.14
N LEU A 82 -1.54 11.66 -6.94
CA LEU A 82 -2.01 11.47 -8.32
C LEU A 82 -1.08 10.54 -9.08
N TRP A 83 0.24 10.67 -8.86
CA TRP A 83 1.16 9.78 -9.56
C TRP A 83 0.93 8.33 -9.15
N GLU A 84 0.75 8.10 -7.84
CA GLU A 84 0.59 6.74 -7.35
C GLU A 84 -0.68 6.10 -7.91
N ILE A 85 -1.78 6.86 -7.98
CA ILE A 85 -3.02 6.20 -8.35
C ILE A 85 -3.01 5.88 -9.84
N GLN A 86 -2.28 6.66 -10.64
CA GLN A 86 -2.19 6.41 -12.07
C GLN A 86 -1.13 5.36 -12.42
N ASN A 87 -0.03 5.27 -11.67
CA ASN A 87 1.13 4.47 -12.07
C ASN A 87 1.37 3.19 -11.29
N ASN A 88 1.02 3.11 -10.01
CA ASN A 88 1.14 1.85 -9.25
C ASN A 88 0.18 1.88 -8.07
N PRO A 89 -1.13 1.88 -8.35
CA PRO A 89 -2.10 2.02 -7.27
C PRO A 89 -2.18 0.84 -6.35
N HIS A 90 -1.71 -0.36 -6.75
CA HIS A 90 -1.92 -1.56 -5.94
C HIS A 90 -0.66 -2.01 -5.22
N ALA A 91 0.37 -1.18 -5.21
CA ALA A 91 1.62 -1.57 -4.59
C ALA A 91 1.60 -1.35 -3.08
N SER A 92 2.62 -1.87 -2.40
CA SER A 92 2.80 -1.62 -0.98
C SER A 92 3.58 -0.33 -0.81
N TYR A 93 3.00 0.62 -0.06
CA TYR A 93 3.64 1.90 0.23
C TYR A 93 4.04 1.96 1.71
N MET B 2 13.04 -36.68 22.17
CA MET B 2 12.53 -36.64 23.54
C MET B 2 11.43 -35.57 23.67
N PRO B 3 10.37 -35.89 24.42
CA PRO B 3 9.31 -34.90 24.66
C PRO B 3 9.85 -33.62 25.28
N HIS B 4 9.21 -32.49 24.94
CA HIS B 4 9.60 -31.17 25.41
C HIS B 4 8.49 -30.61 26.31
N ALA B 5 8.60 -29.32 26.65
CA ALA B 5 7.62 -28.72 27.57
C ALA B 5 6.23 -28.74 26.95
N PHE B 6 6.13 -28.36 25.68
CA PHE B 6 4.87 -28.39 24.96
C PHE B 6 4.85 -29.57 24.00
N LYS B 7 3.64 -30.05 23.72
CA LYS B 7 3.44 -31.17 22.81
C LYS B 7 2.35 -30.79 21.83
N PRO B 8 2.32 -31.42 20.65
CA PRO B 8 1.27 -31.09 19.69
C PRO B 8 -0.12 -31.23 20.29
N GLY B 9 -0.98 -30.28 19.97
CA GLY B 9 -2.33 -30.25 20.48
C GLY B 9 -2.50 -29.41 21.73
N ASP B 10 -1.40 -29.03 22.39
CA ASP B 10 -1.49 -28.11 23.52
C ASP B 10 -2.03 -26.76 23.05
N LEU B 11 -2.87 -26.15 23.88
CA LEU B 11 -3.55 -24.91 23.55
C LEU B 11 -2.93 -23.77 24.32
N VAL B 12 -2.70 -22.65 23.63
CA VAL B 12 -1.98 -21.53 24.21
C VAL B 12 -2.59 -20.23 23.72
N PHE B 13 -2.17 -19.14 24.35
CA PHE B 13 -2.13 -17.83 23.73
C PHE B 13 -0.70 -17.53 23.35
N ALA B 14 -0.47 -17.15 22.09
CA ALA B 14 0.88 -16.91 21.56
C ALA B 14 1.04 -15.43 21.26
N LYS B 15 2.17 -14.86 21.68
CA LYS B 15 2.39 -13.42 21.61
C LYS B 15 3.37 -13.11 20.48
N MET B 16 2.94 -12.31 19.52
CA MET B 16 3.82 -11.80 18.47
C MET B 16 3.82 -10.28 18.48
N LYS B 17 4.96 -9.71 18.07
CA LYS B 17 5.10 -8.27 17.97
C LYS B 17 4.00 -7.65 17.11
N GLY B 18 3.29 -6.69 17.67
CA GLY B 18 2.24 -5.97 16.98
C GLY B 18 0.84 -6.43 17.31
N TYR B 19 0.68 -7.60 17.91
CA TYR B 19 -0.63 -8.24 18.06
C TYR B 19 -0.90 -8.62 19.50
N PRO B 20 -2.16 -8.62 19.92
CA PRO B 20 -2.50 -9.11 21.25
C PRO B 20 -2.16 -10.59 21.37
N HIS B 21 -2.06 -11.05 22.62
CA HIS B 21 -1.92 -12.49 22.84
C HIS B 21 -3.05 -13.23 22.14
N TRP B 22 -2.68 -14.23 21.32
CA TRP B 22 -3.58 -14.74 20.30
C TRP B 22 -3.86 -16.21 20.51
N PRO B 23 -5.12 -16.64 20.42
CA PRO B 23 -5.42 -18.08 20.64
C PRO B 23 -4.74 -18.95 19.61
N ALA B 24 -4.04 -19.98 20.08
CA ALA B 24 -3.20 -20.75 19.16
C ALA B 24 -3.05 -22.15 19.74
N ARG B 25 -2.43 -23.01 18.94
CA ARG B 25 -2.12 -24.37 19.37
C ARG B 25 -0.72 -24.75 18.91
N ILE B 26 -0.08 -25.64 19.68
CA ILE B 26 1.16 -26.24 19.21
C ILE B 26 0.80 -27.28 18.16
N ASP B 27 1.39 -27.16 16.99
CA ASP B 27 1.15 -28.07 15.88
C ASP B 27 2.18 -29.20 15.90
N ASP B 28 1.85 -30.28 15.23
CA ASP B 28 2.83 -31.32 14.95
C ASP B 28 3.78 -30.87 13.85
N ILE B 29 4.98 -31.44 13.87
CA ILE B 29 5.92 -31.25 12.77
C ILE B 29 5.58 -32.30 11.72
N ALA B 30 4.97 -31.87 10.61
CA ALA B 30 4.63 -32.80 9.54
C ALA B 30 5.87 -33.55 9.07
N ASP B 31 5.70 -34.84 8.77
CA ASP B 31 6.81 -35.64 8.31
C ASP B 31 7.32 -35.12 6.97
N GLY B 32 8.63 -34.99 6.86
CA GLY B 32 9.26 -34.44 5.67
C GLY B 32 9.37 -32.93 5.63
N ALA B 33 8.92 -32.23 6.66
CA ALA B 33 8.98 -30.78 6.68
C ALA B 33 10.26 -30.32 7.37
N VAL B 34 10.66 -29.08 7.06
CA VAL B 34 11.82 -28.50 7.72
C VAL B 34 11.50 -28.35 9.20
N LYS B 35 12.46 -28.74 10.04
CA LYS B 35 12.24 -28.72 11.47
C LYS B 35 12.37 -27.29 12.00
N PRO B 36 11.75 -27.00 13.15
CA PRO B 36 11.80 -25.64 13.70
C PRO B 36 13.20 -25.25 14.16
N PRO B 37 13.45 -23.96 14.31
CA PRO B 37 14.69 -23.51 14.96
C PRO B 37 14.78 -24.02 16.38
N PRO B 38 15.97 -23.97 16.98
CA PRO B 38 16.15 -24.55 18.33
C PRO B 38 15.30 -23.86 19.40
N ASN B 39 14.76 -24.67 20.31
CA ASN B 39 13.85 -24.25 21.38
C ASN B 39 12.62 -23.50 20.87
N LYS B 40 12.27 -23.64 19.59
CA LYS B 40 11.05 -23.03 19.08
C LYS B 40 10.05 -24.11 18.72
N TYR B 41 8.78 -23.72 18.66
CA TYR B 41 7.69 -24.64 18.39
C TYR B 41 6.91 -24.19 17.18
N PRO B 42 6.36 -25.13 16.41
CA PRO B 42 5.43 -24.76 15.32
C PRO B 42 4.10 -24.30 15.90
N ILE B 43 3.73 -23.04 15.63
CA ILE B 43 2.51 -22.43 16.18
C ILE B 43 1.49 -22.28 15.05
N PHE B 44 0.25 -22.67 15.32
CA PHE B 44 -0.89 -22.43 14.44
C PHE B 44 -1.79 -21.45 15.14
N PHE B 45 -2.12 -20.35 14.48
CA PHE B 45 -2.97 -19.32 15.05
C PHE B 45 -4.42 -19.55 14.65
N PHE B 46 -5.31 -19.65 15.64
CA PHE B 46 -6.72 -19.86 15.32
C PHE B 46 -7.30 -18.58 14.71
N GLY B 47 -8.37 -18.74 13.91
CA GLY B 47 -9.01 -17.62 13.23
C GLY B 47 -8.32 -17.25 11.93
N THR B 48 -7.08 -16.76 12.02
CA THR B 48 -6.34 -16.43 10.82
C THR B 48 -5.76 -17.66 10.14
N HIS B 49 -5.50 -18.71 10.93
CA HIS B 49 -4.94 -19.96 10.43
C HIS B 49 -3.54 -19.76 9.86
N GLU B 50 -2.87 -18.69 10.27
CA GLU B 50 -1.46 -18.46 10.00
C GLU B 50 -0.60 -19.36 10.87
N THR B 51 0.69 -19.46 10.52
CA THR B 51 1.64 -20.25 11.29
C THR B 51 2.91 -19.44 11.50
N ALA B 52 3.60 -19.75 12.61
CA ALA B 52 4.87 -19.14 12.93
C ALA B 52 5.64 -20.07 13.85
N PHE B 53 6.94 -19.76 14.02
CA PHE B 53 7.77 -20.43 15.01
C PHE B 53 7.97 -19.49 16.18
N LEU B 54 7.67 -19.98 17.37
CA LEU B 54 7.78 -19.15 18.56
C LEU B 54 8.40 -19.95 19.68
N GLY B 55 9.07 -19.24 20.60
CA GLY B 55 9.67 -19.86 21.74
C GLY B 55 8.80 -19.77 22.97
N PRO B 56 9.17 -20.55 24.00
CA PRO B 56 8.36 -20.59 25.24
C PRO B 56 8.08 -19.23 25.86
N LYS B 57 8.95 -18.24 25.66
CA LYS B 57 8.73 -16.94 26.29
C LYS B 57 7.47 -16.29 25.78
N ASP B 58 7.01 -16.70 24.60
CA ASP B 58 5.84 -16.11 23.99
C ASP B 58 4.61 -17.00 24.06
N LEU B 59 4.66 -18.08 24.84
CA LEU B 59 3.58 -19.07 24.88
C LEU B 59 3.00 -19.16 26.29
N PHE B 60 1.69 -18.98 26.38
CA PHE B 60 0.94 -18.94 27.63
C PHE B 60 -0.14 -20.02 27.62
N PRO B 61 -0.16 -20.90 28.61
CA PRO B 61 -1.15 -22.00 28.59
C PRO B 61 -2.57 -21.46 28.60
N TYR B 62 -3.42 -22.07 27.76
CA TYR B 62 -4.74 -21.51 27.51
C TYR B 62 -5.59 -21.49 28.78
N ASP B 63 -5.73 -22.65 29.43
CA ASP B 63 -6.59 -22.79 30.61
C ASP B 63 -6.20 -21.79 31.69
N LYS B 64 -4.90 -21.70 31.98
CA LYS B 64 -4.43 -20.79 33.02
C LYS B 64 -4.72 -19.33 32.68
N CYS B 65 -4.62 -18.95 31.40
CA CYS B 65 -4.60 -17.55 31.00
C CYS B 65 -5.82 -17.09 30.23
N LYS B 66 -6.82 -17.95 30.01
CA LYS B 66 -7.91 -17.54 29.12
C LYS B 66 -8.78 -16.45 29.72
N ASP B 67 -8.83 -16.32 31.05
CA ASP B 67 -9.58 -15.23 31.66
C ASP B 67 -8.90 -13.89 31.44
N LYS B 68 -7.57 -13.87 31.30
CA LYS B 68 -6.86 -12.62 31.06
C LYS B 68 -6.78 -12.27 29.58
N TYR B 69 -6.55 -13.25 28.70
CA TYR B 69 -6.30 -12.97 27.31
C TYR B 69 -7.47 -13.30 26.38
N GLY B 70 -8.44 -14.10 26.83
CA GLY B 70 -9.56 -14.49 25.98
C GLY B 70 -10.71 -13.49 25.95
N LYS B 71 -10.43 -12.24 25.59
CA LYS B 71 -11.45 -11.23 25.49
C LYS B 71 -11.53 -10.75 24.06
N PRO B 72 -12.73 -10.65 23.48
CA PRO B 72 -12.85 -10.28 22.07
C PRO B 72 -12.30 -8.88 21.82
N ASN B 73 -11.91 -8.65 20.56
CA ASN B 73 -11.49 -7.32 20.12
C ASN B 73 -11.88 -7.19 18.66
N LYS B 74 -11.37 -6.15 18.01
CA LYS B 74 -11.73 -5.89 16.61
C LYS B 74 -10.61 -6.24 15.64
N ARG B 75 -9.65 -7.06 16.04
CA ARG B 75 -8.63 -7.50 15.08
C ARG B 75 -9.20 -8.60 14.22
N LYS B 76 -9.02 -8.47 12.91
CA LYS B 76 -9.49 -9.48 11.97
C LYS B 76 -8.96 -10.85 12.38
N GLY B 77 -9.88 -11.80 12.53
CA GLY B 77 -9.57 -13.18 12.82
C GLY B 77 -9.58 -13.55 14.29
N PHE B 78 -9.58 -12.56 15.18
CA PHE B 78 -9.37 -12.86 16.60
C PHE B 78 -10.58 -13.53 17.24
N ASN B 79 -11.77 -12.95 17.03
CA ASN B 79 -12.97 -13.50 17.64
C ASN B 79 -13.30 -14.87 17.07
N GLU B 80 -13.07 -15.09 15.78
CA GLU B 80 -13.25 -16.43 15.24
C GLU B 80 -12.23 -17.38 15.85
N GLY B 81 -11.02 -16.90 16.11
CA GLY B 81 -10.03 -17.73 16.79
C GLY B 81 -10.43 -18.10 18.20
N LEU B 82 -11.02 -17.16 18.95
CA LEU B 82 -11.60 -17.51 20.26
C LEU B 82 -12.66 -18.58 20.12
N TRP B 83 -13.47 -18.52 19.06
CA TRP B 83 -14.48 -19.56 18.86
C TRP B 83 -13.84 -20.91 18.55
N GLU B 84 -12.85 -20.94 17.66
CA GLU B 84 -12.24 -22.21 17.28
C GLU B 84 -11.53 -22.89 18.45
N ILE B 85 -10.82 -22.11 19.27
CA ILE B 85 -10.04 -22.74 20.35
C ILE B 85 -10.95 -23.32 21.42
N GLN B 86 -12.17 -22.78 21.55
CA GLN B 86 -13.15 -23.27 22.52
C GLN B 86 -13.96 -24.44 22.02
N ASN B 87 -14.19 -24.51 20.70
CA ASN B 87 -15.20 -25.38 20.14
C ASN B 87 -14.64 -26.52 19.30
N ASN B 88 -13.55 -26.31 18.57
CA ASN B 88 -12.91 -27.40 17.80
C ASN B 88 -11.42 -27.13 17.67
N PRO B 89 -10.68 -27.18 18.78
CA PRO B 89 -9.25 -26.80 18.73
C PRO B 89 -8.35 -27.73 17.96
N HIS B 90 -8.78 -28.99 17.70
CA HIS B 90 -7.89 -30.00 17.13
C HIS B 90 -8.22 -30.34 15.68
N ALA B 91 -9.12 -29.60 15.06
CA ALA B 91 -9.53 -29.86 13.69
C ALA B 91 -8.48 -29.40 12.68
N SER B 92 -8.66 -29.86 11.45
CA SER B 92 -7.87 -29.40 10.32
C SER B 92 -8.51 -28.13 9.77
N TYR B 93 -7.71 -27.07 9.67
CA TYR B 93 -8.17 -25.82 9.09
C TYR B 93 -7.42 -25.56 7.79
N SER B 94 -7.54 -26.52 6.87
CA SER B 94 -6.88 -26.45 5.56
C SER B 94 -7.94 -26.32 4.47
N HIS C 4 20.33 9.62 -29.35
CA HIS C 4 20.07 9.84 -30.76
C HIS C 4 19.88 11.32 -31.08
N ALA C 5 19.43 11.62 -32.29
CA ALA C 5 19.09 12.98 -32.71
C ALA C 5 17.60 13.18 -32.53
N PHE C 6 17.23 14.08 -31.63
CA PHE C 6 15.85 14.25 -31.21
C PHE C 6 15.04 15.02 -32.25
N LYS C 7 13.72 15.00 -32.07
CA LYS C 7 12.76 15.63 -32.96
C LYS C 7 11.73 16.40 -32.15
N PRO C 8 11.09 17.41 -32.76
CA PRO C 8 10.15 18.24 -32.00
C PRO C 8 9.00 17.43 -31.42
N GLY C 9 8.58 17.81 -30.21
CA GLY C 9 7.51 17.14 -29.52
C GLY C 9 7.92 15.90 -28.75
N ASP C 10 9.15 15.40 -28.96
CA ASP C 10 9.63 14.26 -28.19
C ASP C 10 9.54 14.53 -26.70
N LEU C 11 9.09 13.52 -25.96
CA LEU C 11 9.05 13.60 -24.50
C LEU C 11 10.35 13.06 -23.91
N VAL C 12 10.89 13.80 -22.94
CA VAL C 12 12.21 13.53 -22.42
C VAL C 12 12.20 13.78 -20.92
N PHE C 13 13.24 13.30 -20.26
CA PHE C 13 13.63 13.81 -18.95
C PHE C 13 14.89 14.62 -19.17
N ALA C 14 14.85 15.89 -18.79
CA ALA C 14 15.99 16.76 -19.02
C ALA C 14 16.78 16.90 -17.73
N LYS C 15 18.12 16.84 -17.87
CA LYS C 15 19.02 16.88 -16.71
C LYS C 15 19.80 18.19 -16.73
N MET C 16 19.63 18.99 -15.70
CA MET C 16 20.45 20.15 -15.46
C MET C 16 21.21 19.94 -14.15
N LYS C 17 22.43 20.45 -14.10
CA LYS C 17 23.24 20.31 -12.90
C LYS C 17 22.49 20.91 -11.72
N GLY C 18 22.38 20.13 -10.65
CA GLY C 18 21.72 20.61 -9.45
C GLY C 18 20.27 20.24 -9.33
N TYR C 19 19.73 19.48 -10.29
CA TYR C 19 18.33 19.09 -10.29
C TYR C 19 18.20 17.63 -10.71
N PRO C 20 17.13 16.97 -10.30
CA PRO C 20 16.86 15.61 -10.78
C PRO C 20 16.48 15.66 -12.25
N HIS C 21 16.55 14.47 -12.89
CA HIS C 21 16.00 14.31 -14.23
C HIS C 21 14.55 14.75 -14.26
N TRP C 22 14.25 15.75 -15.11
CA TRP C 22 13.01 16.51 -14.96
C TRP C 22 12.09 16.30 -16.16
N PRO C 23 10.80 16.02 -15.96
CA PRO C 23 9.90 15.83 -17.11
C PRO C 23 9.90 17.07 -18.01
N ALA C 24 10.07 16.83 -19.31
CA ALA C 24 10.22 17.95 -20.26
C ALA C 24 9.86 17.47 -21.67
N ARG C 25 9.85 18.42 -22.61
CA ARG C 25 9.66 18.10 -24.01
C ARG C 25 10.53 19.00 -24.88
N ILE C 26 10.78 18.55 -26.10
CA ILE C 26 11.52 19.35 -27.08
C ILE C 26 10.51 20.08 -27.93
N ASP C 27 10.70 21.41 -28.05
CA ASP C 27 9.79 22.27 -28.80
C ASP C 27 10.35 22.51 -30.20
N ASP C 28 9.70 23.37 -30.96
CA ASP C 28 10.14 23.70 -32.32
C ASP C 28 10.51 25.18 -32.45
N PRO C 38 24.19 26.93 -30.11
CA PRO C 38 25.15 25.98 -30.71
C PRO C 38 24.90 24.54 -30.28
N ASN C 39 24.09 23.81 -31.06
CA ASN C 39 23.71 22.42 -30.77
C ASN C 39 23.05 22.32 -29.39
N LYS C 40 22.06 23.18 -29.14
CA LYS C 40 21.29 23.17 -27.89
C LYS C 40 19.81 23.17 -28.23
N TYR C 41 19.15 22.03 -27.99
CA TYR C 41 17.72 21.90 -28.27
C TYR C 41 16.89 22.86 -27.39
N PRO C 42 15.73 23.32 -27.90
CA PRO C 42 14.83 24.09 -27.04
C PRO C 42 14.01 23.15 -26.16
N ILE C 43 14.06 23.37 -24.85
CA ILE C 43 13.50 22.45 -23.87
C ILE C 43 12.44 23.18 -23.06
N PHE C 44 11.25 22.57 -22.94
CA PHE C 44 10.20 23.06 -22.05
C PHE C 44 10.04 22.10 -20.89
N PHE C 45 10.12 22.63 -19.66
CA PHE C 45 10.06 21.82 -18.43
C PHE C 45 8.64 21.78 -17.89
N PHE C 46 8.08 20.57 -17.76
CA PHE C 46 6.74 20.47 -17.21
C PHE C 46 6.74 20.87 -15.73
N GLY C 47 5.58 21.34 -15.26
CA GLY C 47 5.43 21.70 -13.86
C GLY C 47 5.84 23.13 -13.57
N THR C 48 7.13 23.43 -13.73
CA THR C 48 7.59 24.81 -13.67
C THR C 48 7.27 25.59 -14.94
N HIS C 49 7.14 24.92 -16.08
CA HIS C 49 6.79 25.55 -17.35
C HIS C 49 7.89 26.51 -17.82
N GLU C 50 9.11 26.27 -17.38
CA GLU C 50 10.24 27.10 -17.77
C GLU C 50 10.92 26.54 -19.00
N THR C 51 11.87 27.32 -19.51
CA THR C 51 12.53 27.06 -20.78
C THR C 51 14.04 27.17 -20.59
N ALA C 52 14.78 26.46 -21.42
CA ALA C 52 16.25 26.43 -21.36
C ALA C 52 16.77 25.74 -22.63
N PHE C 53 18.06 25.92 -22.86
CA PHE C 53 18.75 25.25 -23.96
C PHE C 53 19.64 24.16 -23.39
N LEU C 54 19.46 22.94 -23.89
CA LEU C 54 20.21 21.79 -23.41
C LEU C 54 20.74 21.01 -24.60
N GLY C 55 21.96 20.51 -24.48
CA GLY C 55 22.53 19.65 -25.47
C GLY C 55 22.01 18.24 -25.37
N PRO C 56 22.35 17.44 -26.39
CA PRO C 56 21.81 16.07 -26.45
C PRO C 56 22.21 15.19 -25.28
N LYS C 57 23.35 15.49 -24.64
CA LYS C 57 23.80 14.65 -23.52
C LYS C 57 22.89 14.76 -22.32
N ASP C 58 22.04 15.79 -22.27
CA ASP C 58 21.22 16.04 -21.09
C ASP C 58 19.77 15.62 -21.30
N LEU C 59 19.46 14.96 -22.41
CA LEU C 59 18.10 14.62 -22.77
C LEU C 59 17.97 13.09 -22.83
N PHE C 60 16.94 12.58 -22.16
CA PHE C 60 16.77 11.14 -21.98
C PHE C 60 15.39 10.74 -22.50
N PRO C 61 15.30 9.94 -23.57
CA PRO C 61 14.00 9.66 -24.18
C PRO C 61 13.02 9.10 -23.16
N TYR C 62 11.78 9.60 -23.24
CA TYR C 62 10.80 9.34 -22.19
C TYR C 62 10.52 7.85 -22.05
N ASP C 63 10.08 7.20 -23.13
CA ASP C 63 9.54 5.85 -23.00
C ASP C 63 10.58 4.85 -22.53
N LYS C 64 11.85 5.03 -22.89
CA LYS C 64 12.91 4.11 -22.50
C LYS C 64 13.64 4.56 -21.25
N CYS C 65 13.18 5.63 -20.60
CA CYS C 65 13.73 6.04 -19.32
C CYS C 65 12.68 6.38 -18.27
N LYS C 66 11.41 6.56 -18.65
CA LYS C 66 10.36 6.94 -17.70
C LYS C 66 10.21 5.93 -16.57
N ASP C 67 10.55 4.67 -16.84
CA ASP C 67 10.45 3.67 -15.78
C ASP C 67 11.54 3.87 -14.74
N LYS C 68 12.62 4.57 -15.09
CA LYS C 68 13.69 4.94 -14.18
C LYS C 68 13.55 6.34 -13.61
N TYR C 69 13.11 7.31 -14.43
CA TYR C 69 13.04 8.71 -14.02
C TYR C 69 11.63 9.18 -13.70
N GLY C 70 10.61 8.51 -14.24
CA GLY C 70 9.24 8.90 -13.98
C GLY C 70 8.77 8.38 -12.64
N LYS C 71 9.26 8.99 -11.58
CA LYS C 71 8.90 8.64 -10.22
C LYS C 71 8.90 9.93 -9.40
N PRO C 72 8.11 10.00 -8.34
CA PRO C 72 7.97 11.27 -7.64
C PRO C 72 9.24 11.68 -6.93
N ASN C 73 9.36 12.99 -6.74
CA ASN C 73 10.29 13.52 -5.75
C ASN C 73 9.76 14.88 -5.35
N LYS C 74 10.30 15.40 -4.25
CA LYS C 74 9.58 16.45 -3.58
C LYS C 74 10.02 17.86 -4.00
N ARG C 75 10.97 17.97 -4.93
CA ARG C 75 11.36 19.30 -5.41
C ARG C 75 10.16 20.06 -5.98
N LYS C 76 10.15 21.36 -5.76
CA LYS C 76 9.00 22.20 -6.09
C LYS C 76 8.60 22.04 -7.55
N GLY C 77 7.33 21.73 -7.78
CA GLY C 77 6.79 21.59 -9.11
C GLY C 77 7.05 20.28 -9.79
N PHE C 78 7.86 19.39 -9.20
CA PHE C 78 8.21 18.15 -9.90
C PHE C 78 7.00 17.26 -10.11
N ASN C 79 6.21 17.04 -9.06
CA ASN C 79 5.13 16.07 -9.18
C ASN C 79 3.97 16.61 -10.00
N GLU C 80 3.71 17.92 -9.96
CA GLU C 80 2.82 18.50 -10.96
C GLU C 80 3.36 18.27 -12.37
N GLY C 81 4.69 18.34 -12.53
CA GLY C 81 5.26 18.10 -13.84
C GLY C 81 5.07 16.68 -14.31
N LEU C 82 5.15 15.71 -13.40
CA LEU C 82 4.88 14.33 -13.79
C LEU C 82 3.45 14.19 -14.23
N TRP C 83 2.53 14.93 -13.60
CA TRP C 83 1.13 14.83 -14.01
C TRP C 83 0.96 15.34 -15.43
N GLU C 84 1.66 16.40 -15.78
CA GLU C 84 1.48 16.99 -17.12
C GLU C 84 2.03 16.09 -18.22
N ILE C 85 3.21 15.51 -18.02
CA ILE C 85 3.82 14.75 -19.11
C ILE C 85 3.05 13.47 -19.41
N GLN C 86 2.29 12.93 -18.47
CA GLN C 86 1.50 11.76 -18.82
C GLN C 86 0.07 12.08 -19.18
N ASN C 87 -0.42 13.27 -18.85
CA ASN C 87 -1.82 13.55 -19.12
C ASN C 87 -2.04 14.70 -20.08
N ASN C 88 -1.12 15.64 -20.15
CA ASN C 88 -1.34 16.72 -21.09
C ASN C 88 -0.01 17.08 -21.75
N PRO C 89 0.70 16.11 -22.35
CA PRO C 89 2.11 16.37 -22.72
C PRO C 89 2.28 17.34 -23.86
N HIS C 90 1.22 17.69 -24.58
CA HIS C 90 1.33 18.52 -25.78
C HIS C 90 0.45 19.77 -25.71
N ALA C 91 0.15 20.28 -24.51
CA ALA C 91 -0.62 21.51 -24.38
C ALA C 91 0.24 22.75 -24.62
N SER C 92 -0.12 23.88 -24.00
CA SER C 92 0.55 25.16 -24.26
C SER C 92 1.04 25.85 -22.98
N TYR C 93 0.36 25.62 -21.86
CA TYR C 93 0.73 26.17 -20.55
C TYR C 93 1.13 27.64 -20.58
#